data_3RKY
#
_entry.id   3RKY
#
_cell.length_a   94.266
_cell.length_b   94.266
_cell.length_c   130.885
_cell.angle_alpha   90.00
_cell.angle_beta   90.00
_cell.angle_gamma   90.00
#
_symmetry.space_group_name_H-M   'P 42 21 2'
#
loop_
_entity.id
_entity.type
_entity.pdbx_description
1 polymer 'Biotin-[acetyl-CoA-carboxylase] ligase'
2 non-polymer BIOTIN
#
_entity_poly.entity_id   1
_entity_poly.type   'polypeptide(L)'
_entity_poly.pdbx_seq_one_letter_code
;MSKYSQDVLQLLYKNKPNYISGQSIAESLNISRTAVKKVIDQLKLEGCKIDSVNHKGHLLQQLPDIWYQGIIDQYTKSSA
LFDFSEVYDSIDSTQLAAKKSLVGNQSSFFILSDEQTKGRGRFNRHWSSSKGQGLWMSVVLRPNVAFSMISKFNLFIALG
IRDAIQHFSQDEVKVKWPNDIYIDNGKVCGFLTEMVANNDGIEAIICGIGINLTQQLENFDESIRHRATSIQLHDKNKLD
RYQFLERLLQEIEKRYNQFLTLPFSEIREEYNAASNIWNRTLLFTENDKQFKGQAIDLDYDGYLIVRDEAGESHRLISAD
IDF
;
_entity_poly.pdbx_strand_id   A
#
loop_
_chem_comp.id
_chem_comp.type
_chem_comp.name
_chem_comp.formula
BTN non-polymer BIOTIN 'C10 H16 N2 O3 S'
#
# COMPACT_ATOMS: atom_id res chain seq x y z
N SER A 2 -16.37 2.72 -21.78
CA SER A 2 -17.76 3.16 -21.79
C SER A 2 -18.18 3.94 -20.54
N LYS A 3 -19.06 4.92 -20.75
CA LYS A 3 -19.53 5.83 -19.70
C LYS A 3 -20.06 5.08 -18.46
N TYR A 4 -20.59 3.88 -18.64
CA TYR A 4 -21.30 3.25 -17.54
C TYR A 4 -20.64 1.99 -17.08
N SER A 5 -19.55 1.66 -17.71
CA SER A 5 -18.84 0.46 -17.34
C SER A 5 -18.66 0.40 -15.84
N GLN A 6 -18.27 1.51 -15.22
CA GLN A 6 -18.03 1.50 -13.78
C GLN A 6 -19.33 1.36 -13.00
N ASP A 7 -20.34 2.12 -13.35
CA ASP A 7 -21.61 2.04 -12.67
C ASP A 7 -22.11 0.58 -12.69
N VAL A 8 -21.93 -0.08 -13.84
CA VAL A 8 -22.32 -1.49 -14.02
C VAL A 8 -21.51 -2.38 -13.08
N LEU A 9 -20.18 -2.29 -13.14
CA LEU A 9 -19.29 -3.01 -12.20
C LEU A 9 -19.79 -2.85 -10.80
N GLN A 10 -20.03 -1.61 -10.41
CA GLN A 10 -20.45 -1.30 -9.05
C GLN A 10 -21.71 -2.08 -8.70
N LEU A 11 -22.65 -2.16 -9.62
CA LEU A 11 -23.83 -2.93 -9.30
C LEU A 11 -23.49 -4.40 -9.12
N LEU A 12 -22.64 -4.95 -9.96
CA LEU A 12 -22.24 -6.35 -9.81
C LEU A 12 -21.60 -6.69 -8.47
N TYR A 13 -20.58 -5.91 -8.11
CA TYR A 13 -19.89 -6.11 -6.85
C TYR A 13 -20.87 -5.90 -5.71
N LYS A 14 -21.45 -4.70 -5.66
CA LYS A 14 -22.41 -4.40 -4.63
C LYS A 14 -23.43 -5.50 -4.45
N ASN A 15 -23.51 -6.45 -5.39
CA ASN A 15 -24.58 -7.46 -5.34
C ASN A 15 -24.24 -8.92 -5.09
N LYS A 16 -22.95 -9.23 -4.92
CA LYS A 16 -22.49 -10.56 -4.52
C LYS A 16 -23.22 -10.98 -3.24
N PRO A 17 -23.46 -12.29 -3.06
CA PRO A 17 -23.11 -13.36 -3.99
C PRO A 17 -24.30 -13.73 -4.85
N ASN A 18 -25.09 -12.72 -5.23
CA ASN A 18 -26.28 -12.99 -6.05
C ASN A 18 -26.19 -12.53 -7.45
N TYR A 19 -27.01 -13.17 -8.30
CA TYR A 19 -27.07 -12.68 -9.67
C TYR A 19 -27.98 -11.49 -9.71
N ILE A 20 -27.72 -10.63 -10.68
CA ILE A 20 -28.64 -9.60 -11.04
C ILE A 20 -28.88 -9.60 -12.54
N SER A 21 -30.10 -9.27 -12.96
CA SER A 21 -30.49 -9.39 -14.37
C SER A 21 -29.99 -8.31 -15.26
N GLY A 22 -30.00 -8.61 -16.54
CA GLY A 22 -29.75 -7.60 -17.55
C GLY A 22 -30.74 -6.49 -17.25
N GLN A 23 -32.01 -6.88 -17.15
CA GLN A 23 -33.04 -5.88 -16.92
C GLN A 23 -32.95 -5.06 -15.66
N SER A 24 -32.66 -5.73 -14.55
CA SER A 24 -32.49 -5.09 -13.25
C SER A 24 -31.55 -3.92 -13.37
N ILE A 25 -30.33 -4.24 -13.77
CA ILE A 25 -29.28 -3.23 -13.95
C ILE A 25 -29.79 -2.16 -14.91
N ALA A 26 -30.24 -2.57 -16.09
CA ALA A 26 -30.63 -1.62 -17.13
C ALA A 26 -31.53 -0.53 -16.56
N GLU A 27 -32.46 -0.92 -15.70
CA GLU A 27 -33.40 -0.01 -15.05
C GLU A 27 -32.67 0.99 -14.16
N SER A 28 -31.63 0.50 -13.47
CA SER A 28 -30.96 1.29 -12.43
C SER A 28 -30.10 2.41 -12.96
N LEU A 29 -29.54 2.21 -14.13
CA LEU A 29 -28.64 3.18 -14.70
C LEU A 29 -29.45 3.95 -15.72
N ASN A 30 -30.60 3.36 -16.04
CA ASN A 30 -31.49 3.90 -17.03
C ASN A 30 -30.82 3.96 -18.39
N ILE A 31 -30.56 2.78 -18.97
CA ILE A 31 -30.05 2.62 -20.34
C ILE A 31 -30.55 1.28 -20.90
N SER A 32 -30.61 1.17 -22.23
CA SER A 32 -31.07 -0.08 -22.87
C SER A 32 -30.35 -1.32 -22.36
N ARG A 33 -31.07 -2.43 -22.30
CA ARG A 33 -30.52 -3.66 -21.81
C ARG A 33 -29.39 -4.08 -22.72
N THR A 34 -29.48 -3.68 -23.98
CA THR A 34 -28.49 -4.13 -24.95
C THR A 34 -27.22 -3.31 -24.77
N ALA A 35 -27.39 -2.11 -24.25
CA ALA A 35 -26.24 -1.27 -23.90
C ALA A 35 -25.50 -1.96 -22.78
N VAL A 36 -26.25 -2.67 -21.95
CA VAL A 36 -25.66 -3.48 -20.89
C VAL A 36 -24.87 -4.67 -21.44
N LYS A 37 -25.43 -5.40 -22.39
CA LYS A 37 -24.72 -6.55 -22.94
C LYS A 37 -23.38 -6.00 -23.42
N LYS A 38 -23.42 -4.89 -24.14
CA LYS A 38 -22.20 -4.33 -24.65
C LYS A 38 -21.18 -4.11 -23.54
N VAL A 39 -21.61 -3.49 -22.45
CA VAL A 39 -20.72 -3.24 -21.32
C VAL A 39 -20.10 -4.52 -20.76
N ILE A 40 -20.94 -5.53 -20.59
CA ILE A 40 -20.49 -6.73 -19.96
C ILE A 40 -19.49 -7.48 -20.79
N ASP A 41 -19.77 -7.60 -22.07
CA ASP A 41 -18.89 -8.31 -22.99
C ASP A 41 -17.54 -7.65 -23.02
N GLN A 42 -17.54 -6.31 -22.94
CA GLN A 42 -16.30 -5.57 -22.83
C GLN A 42 -15.61 -5.95 -21.51
N LEU A 43 -16.29 -5.74 -20.38
CA LEU A 43 -15.74 -6.17 -19.07
C LEU A 43 -15.17 -7.57 -19.04
N LYS A 44 -15.88 -8.51 -19.63
CA LYS A 44 -15.40 -9.86 -19.75
C LYS A 44 -14.11 -9.89 -20.54
N LEU A 45 -14.17 -9.22 -21.66
CA LEU A 45 -13.07 -9.11 -22.59
C LEU A 45 -11.86 -8.43 -21.89
N GLU A 46 -12.11 -7.60 -20.88
CA GLU A 46 -11.02 -7.06 -20.09
C GLU A 46 -10.51 -8.04 -19.04
N GLY A 47 -11.20 -9.14 -18.86
CA GLY A 47 -10.69 -10.17 -17.98
C GLY A 47 -11.44 -10.25 -16.65
N CYS A 48 -12.72 -9.96 -16.68
CA CYS A 48 -13.54 -10.13 -15.51
C CYS A 48 -14.20 -11.51 -15.61
N LYS A 49 -14.25 -12.23 -14.51
CA LYS A 49 -14.99 -13.48 -14.46
C LYS A 49 -16.46 -13.17 -14.10
N ILE A 50 -17.33 -13.06 -15.10
CA ILE A 50 -18.75 -12.81 -14.84
C ILE A 50 -19.67 -13.92 -15.30
N ASP A 51 -20.32 -14.60 -14.37
CA ASP A 51 -21.28 -15.64 -14.71
C ASP A 51 -22.64 -15.16 -15.21
N SER A 52 -22.90 -15.43 -16.48
CA SER A 52 -24.17 -15.00 -17.00
C SER A 52 -25.05 -16.22 -17.20
N VAL A 53 -26.18 -16.31 -16.51
CA VAL A 53 -27.09 -17.42 -16.78
C VAL A 53 -28.40 -16.80 -17.25
N ASN A 54 -28.98 -17.33 -18.32
CA ASN A 54 -30.28 -16.86 -18.76
C ASN A 54 -31.31 -17.06 -17.68
N HIS A 55 -32.15 -16.07 -17.56
CA HIS A 55 -33.23 -16.06 -16.60
C HIS A 55 -32.72 -15.67 -15.24
N LYS A 56 -31.48 -16.04 -14.90
CA LYS A 56 -31.02 -15.68 -13.57
C LYS A 56 -30.33 -14.26 -13.62
N GLY A 57 -29.36 -14.07 -14.52
CA GLY A 57 -28.64 -12.80 -14.68
C GLY A 57 -27.12 -12.90 -14.58
N HIS A 58 -26.46 -12.02 -13.81
CA HIS A 58 -24.98 -11.92 -13.81
C HIS A 58 -24.31 -11.90 -12.44
N LEU A 59 -23.28 -12.72 -12.25
CA LEU A 59 -22.56 -12.78 -10.99
C LEU A 59 -21.09 -12.45 -11.18
N LEU A 60 -20.64 -11.39 -10.52
CA LEU A 60 -19.22 -11.04 -10.58
C LEU A 60 -18.45 -12.02 -9.71
N GLN A 61 -17.55 -12.76 -10.32
CA GLN A 61 -16.78 -13.76 -9.61
C GLN A 61 -15.39 -13.26 -9.25
N GLN A 62 -14.61 -12.85 -10.24
CA GLN A 62 -13.19 -12.53 -10.02
C GLN A 62 -12.81 -11.31 -10.84
N LEU A 63 -11.96 -10.46 -10.29
CA LEU A 63 -11.54 -9.26 -11.01
C LEU A 63 -10.09 -9.43 -11.54
N PRO A 64 -9.73 -8.69 -12.59
CA PRO A 64 -8.39 -8.70 -13.17
C PRO A 64 -7.36 -8.02 -12.25
N ASP A 65 -6.09 -8.19 -12.60
CA ASP A 65 -5.01 -7.44 -11.97
C ASP A 65 -5.03 -6.04 -12.56
N ILE A 66 -6.15 -5.36 -12.37
CA ILE A 66 -6.27 -3.97 -12.77
C ILE A 66 -7.35 -3.30 -11.89
N TRP A 67 -7.19 -1.99 -11.63
CA TRP A 67 -7.95 -1.27 -10.60
C TRP A 67 -9.14 -0.59 -11.23
N TYR A 68 -10.30 -0.73 -10.60
CA TYR A 68 -11.51 -0.07 -11.09
C TYR A 68 -12.10 0.92 -10.12
N GLN A 69 -12.14 2.19 -10.55
CA GLN A 69 -12.68 3.23 -9.71
C GLN A 69 -13.96 2.80 -9.05
N GLY A 70 -14.92 2.42 -9.88
CA GLY A 70 -16.23 2.03 -9.41
C GLY A 70 -16.21 1.10 -8.19
N ILE A 71 -15.41 0.03 -8.25
CA ILE A 71 -15.36 -0.91 -7.15
C ILE A 71 -14.60 -0.35 -5.93
N ILE A 72 -13.57 0.45 -6.18
CA ILE A 72 -12.85 1.13 -5.10
C ILE A 72 -13.80 2.06 -4.35
N ASP A 73 -14.70 2.75 -5.07
CA ASP A 73 -15.69 3.62 -4.45
C ASP A 73 -16.48 2.83 -3.45
N GLN A 74 -16.67 1.55 -3.71
CA GLN A 74 -17.47 0.79 -2.77
C GLN A 74 -16.65 0.50 -1.51
N TYR A 75 -15.43 0.99 -1.51
CA TYR A 75 -14.56 0.85 -0.37
C TYR A 75 -14.51 2.10 0.49
N THR A 76 -14.54 3.25 -0.17
CA THR A 76 -14.41 4.53 0.48
C THR A 76 -15.75 4.90 1.10
N LYS A 77 -16.82 4.42 0.48
CA LYS A 77 -18.15 4.56 1.02
C LYS A 77 -18.25 3.94 2.39
N SER A 78 -17.87 2.67 2.44
CA SER A 78 -17.96 1.89 3.67
C SER A 78 -16.89 2.23 4.71
N SER A 79 -16.00 3.16 4.36
CA SER A 79 -14.91 3.62 5.23
C SER A 79 -15.14 4.83 6.08
N ALA A 80 -14.70 4.73 7.32
CA ALA A 80 -14.83 5.84 8.25
C ALA A 80 -13.48 6.43 8.60
N LEU A 81 -12.49 6.12 7.80
CA LEU A 81 -11.24 6.88 7.77
C LEU A 81 -11.14 7.82 6.52
N PHE A 82 -11.25 7.23 5.35
CA PHE A 82 -11.10 7.95 4.09
C PHE A 82 -12.38 8.50 3.49
N ASP A 83 -12.28 9.75 3.01
CA ASP A 83 -13.38 10.40 2.33
C ASP A 83 -13.53 9.87 0.93
N PHE A 84 -12.47 9.88 0.16
CA PHE A 84 -12.62 9.48 -1.23
C PHE A 84 -11.32 8.92 -1.69
N SER A 85 -11.21 8.59 -2.97
CA SER A 85 -10.02 7.97 -3.53
C SER A 85 -9.90 8.33 -4.99
N GLU A 86 -8.74 8.20 -5.56
CA GLU A 86 -8.59 8.46 -6.99
C GLU A 86 -7.89 7.25 -7.61
N VAL A 87 -8.45 6.71 -8.68
CA VAL A 87 -7.88 5.52 -9.30
C VAL A 87 -7.43 5.81 -10.75
N TYR A 88 -6.23 5.34 -11.10
CA TYR A 88 -5.58 5.60 -12.38
C TYR A 88 -4.99 4.37 -12.99
N ASP A 89 -5.00 4.33 -14.31
CA ASP A 89 -4.32 3.28 -15.06
C ASP A 89 -2.80 3.54 -15.02
N SER A 90 -2.39 4.75 -15.45
CA SER A 90 -0.99 5.21 -15.46
C SER A 90 -0.84 6.67 -15.00
N ILE A 91 0.33 7.01 -14.47
CA ILE A 91 0.49 8.28 -13.76
C ILE A 91 1.93 8.60 -13.34
N ASP A 92 2.31 9.90 -13.31
CA ASP A 92 3.68 10.30 -12.92
C ASP A 92 4.01 9.65 -11.60
N SER A 93 3.31 10.07 -10.54
CA SER A 93 3.47 9.41 -9.25
C SER A 93 2.22 9.48 -8.41
N THR A 94 1.93 8.43 -7.63
CA THR A 94 0.77 8.52 -6.77
C THR A 94 1.04 9.53 -5.69
N GLN A 95 2.30 9.65 -5.31
CA GLN A 95 2.71 10.64 -4.32
C GLN A 95 2.56 12.10 -4.80
N LEU A 96 3.11 12.36 -5.98
CA LEU A 96 2.98 13.66 -6.63
C LEU A 96 1.51 14.03 -6.64
N ALA A 97 0.72 13.12 -7.18
CA ALA A 97 -0.71 13.32 -7.32
C ALA A 97 -1.30 13.70 -5.99
N ALA A 98 -0.96 12.92 -4.96
CA ALA A 98 -1.43 13.19 -3.58
C ALA A 98 -1.03 14.59 -3.16
N LYS A 99 0.27 14.89 -3.21
CA LYS A 99 0.78 16.19 -2.76
C LYS A 99 0.09 17.36 -3.45
N LYS A 100 -0.48 17.09 -4.61
CA LYS A 100 -1.29 18.08 -5.29
C LYS A 100 -2.71 18.09 -4.73
N SER A 101 -3.38 16.96 -4.89
CA SER A 101 -4.74 16.85 -4.42
C SER A 101 -5.04 17.22 -2.94
N LEU A 102 -4.03 17.42 -2.10
CA LEU A 102 -4.34 17.68 -0.70
C LEU A 102 -4.30 19.16 -0.29
N VAL A 103 -3.94 19.99 -1.25
CA VAL A 103 -3.85 21.43 -1.03
C VAL A 103 -5.22 22.07 -0.92
N GLY A 104 -5.38 22.96 0.06
CA GLY A 104 -6.61 23.72 0.20
C GLY A 104 -7.84 22.90 0.56
N ASN A 105 -7.62 21.85 1.34
CA ASN A 105 -8.69 21.04 1.86
C ASN A 105 -8.17 20.21 2.99
N GLN A 106 -9.09 19.51 3.65
CA GLN A 106 -8.78 18.63 4.77
C GLN A 106 -9.16 17.15 4.53
N SER A 107 -9.34 16.76 3.29
CA SER A 107 -9.83 15.42 3.02
C SER A 107 -8.83 14.37 3.41
N SER A 108 -9.32 13.25 3.90
CA SER A 108 -8.47 12.10 4.05
C SER A 108 -8.83 11.25 2.85
N PHE A 109 -7.84 10.77 2.12
CA PHE A 109 -8.16 10.05 0.90
C PHE A 109 -6.91 9.28 0.50
N PHE A 110 -7.03 8.50 -0.57
CA PHE A 110 -5.87 7.80 -1.13
C PHE A 110 -5.96 7.63 -2.63
N ILE A 111 -4.82 7.24 -3.22
CA ILE A 111 -4.67 7.22 -4.67
C ILE A 111 -3.95 5.96 -5.18
N LEU A 112 -4.59 5.26 -6.11
CA LEU A 112 -4.03 4.06 -6.69
C LEU A 112 -3.70 4.25 -8.16
N SER A 113 -2.62 3.65 -8.61
CA SER A 113 -2.27 3.59 -10.03
C SER A 113 -1.77 2.18 -10.38
N ASP A 114 -2.15 1.69 -11.55
CA ASP A 114 -1.68 0.40 -11.97
C ASP A 114 -0.23 0.44 -12.37
N GLU A 115 0.20 1.62 -12.79
CA GLU A 115 1.58 1.84 -13.19
C GLU A 115 2.02 3.32 -12.95
N GLN A 116 3.22 3.47 -12.40
CA GLN A 116 3.83 4.78 -12.29
C GLN A 116 4.95 4.91 -13.34
N THR A 117 5.06 6.10 -13.96
CA THR A 117 6.11 6.39 -14.91
C THR A 117 7.28 7.05 -14.16
N LYS A 118 7.00 7.90 -13.18
CA LYS A 118 8.10 8.58 -12.55
C LYS A 118 7.98 8.32 -11.07
N GLY A 119 7.81 7.04 -10.76
CA GLY A 119 7.67 6.56 -9.40
C GLY A 119 8.97 6.62 -8.63
N ARG A 120 9.02 7.25 -7.46
CA ARG A 120 10.28 7.48 -6.70
C ARG A 120 10.29 6.99 -5.22
N GLY A 121 11.45 6.56 -4.68
CA GLY A 121 11.54 6.05 -3.30
C GLY A 121 12.28 7.06 -2.41
N ARG A 122 12.78 6.66 -1.25
CA ARG A 122 13.54 7.63 -0.45
C ARG A 122 14.65 8.24 -1.29
N PHE A 123 15.07 9.43 -0.94
CA PHE A 123 16.22 10.03 -1.62
C PHE A 123 16.04 10.17 -3.16
N ASN A 124 14.85 10.49 -3.68
CA ASN A 124 14.66 10.58 -5.13
C ASN A 124 15.26 9.42 -5.81
N ARG A 125 15.14 8.27 -5.17
CA ARG A 125 15.53 7.08 -5.85
C ARG A 125 14.49 6.59 -6.84
N HIS A 126 14.92 5.79 -7.79
CA HIS A 126 13.99 5.26 -8.77
C HIS A 126 13.30 4.06 -8.17
N TRP A 127 11.99 4.01 -8.28
CA TRP A 127 11.11 2.89 -7.86
C TRP A 127 10.32 2.27 -9.01
N SER A 128 10.59 1.00 -9.31
CA SER A 128 9.93 0.37 -10.44
C SER A 128 8.46 0.05 -10.19
N SER A 129 7.59 0.76 -10.91
CA SER A 129 6.20 0.53 -10.69
C SER A 129 5.67 -0.01 -12.03
N SER A 130 5.56 -1.33 -12.12
CA SER A 130 5.18 -2.07 -13.33
C SER A 130 3.67 -2.29 -13.48
N LYS A 131 3.13 -2.13 -14.67
CA LYS A 131 1.68 -2.28 -14.86
C LYS A 131 1.08 -3.57 -14.31
N GLY A 132 0.10 -3.42 -13.41
CA GLY A 132 -0.65 -4.54 -12.86
C GLY A 132 0.19 -5.56 -12.08
N GLN A 133 1.16 -5.09 -11.32
CA GLN A 133 2.01 -6.05 -10.60
C GLN A 133 2.13 -5.78 -9.12
N GLY A 134 1.82 -4.55 -8.74
CA GLY A 134 1.95 -4.17 -7.37
C GLY A 134 0.98 -3.08 -7.01
N LEU A 135 0.87 -2.92 -5.71
CA LEU A 135 0.10 -1.88 -5.09
C LEU A 135 0.93 -0.63 -5.07
N TRP A 136 0.61 0.36 -5.91
CA TRP A 136 1.34 1.64 -5.91
C TRP A 136 0.37 2.69 -5.42
N MET A 137 0.47 3.04 -4.13
CA MET A 137 -0.58 3.85 -3.51
C MET A 137 -0.02 4.92 -2.56
N SER A 138 -0.56 6.13 -2.61
CA SER A 138 -0.26 7.16 -1.62
C SER A 138 -1.51 7.36 -0.73
N VAL A 139 -1.29 7.74 0.52
CA VAL A 139 -2.37 7.77 1.49
C VAL A 139 -2.28 9.06 2.30
N VAL A 140 -3.23 9.96 2.14
CA VAL A 140 -3.18 11.24 2.88
C VAL A 140 -4.00 11.20 4.18
N LEU A 141 -3.38 11.43 5.34
CA LEU A 141 -4.16 11.48 6.58
C LEU A 141 -4.04 12.84 7.28
N ARG A 142 -4.87 13.08 8.29
CA ARG A 142 -4.98 14.40 8.89
C ARG A 142 -4.96 14.37 10.40
N PRO A 143 -3.91 13.82 10.98
CA PRO A 143 -3.82 13.69 12.42
C PRO A 143 -3.32 14.96 13.03
N ASN A 144 -4.13 15.60 13.88
CA ASN A 144 -3.66 16.86 14.43
C ASN A 144 -2.76 16.58 15.63
N VAL A 145 -1.46 16.69 15.38
CA VAL A 145 -0.42 16.40 16.34
C VAL A 145 0.70 17.37 15.95
N ALA A 146 1.77 17.45 16.76
CA ALA A 146 2.94 18.32 16.47
C ALA A 146 3.78 17.72 15.34
N PHE A 147 4.49 18.54 14.55
CA PHE A 147 5.19 17.95 13.40
C PHE A 147 6.19 16.86 13.81
N SER A 148 6.85 17.02 14.95
CA SER A 148 7.81 16.04 15.43
C SER A 148 7.32 14.60 15.43
N MET A 149 6.02 14.44 15.47
CA MET A 149 5.44 13.13 15.62
C MET A 149 5.49 12.24 14.38
N ILE A 150 5.90 12.81 13.25
CA ILE A 150 6.07 12.08 11.98
C ILE A 150 6.67 10.67 12.18
N SER A 151 7.83 10.63 12.83
CA SER A 151 8.67 9.44 12.91
C SER A 151 7.87 8.32 13.62
N LYS A 152 7.10 8.69 14.63
CA LYS A 152 6.25 7.75 15.36
C LYS A 152 5.25 7.13 14.38
N PHE A 153 4.69 7.92 13.49
CA PHE A 153 3.69 7.38 12.56
C PHE A 153 4.29 6.21 11.78
N ASN A 154 5.45 6.46 11.19
CA ASN A 154 6.19 5.48 10.43
C ASN A 154 6.30 4.13 11.07
N LEU A 155 6.67 4.15 12.33
CA LEU A 155 6.81 2.97 13.15
C LEU A 155 5.52 2.16 13.23
N PHE A 156 4.40 2.85 13.49
CA PHE A 156 3.10 2.18 13.60
C PHE A 156 2.62 1.57 12.28
N ILE A 157 2.59 2.41 11.26
CA ILE A 157 2.24 1.99 9.92
C ILE A 157 3.01 0.76 9.46
N ALA A 158 4.31 0.77 9.74
CA ALA A 158 5.20 -0.29 9.32
C ALA A 158 4.59 -1.60 9.73
N LEU A 159 4.22 -1.74 11.00
CA LEU A 159 3.62 -3.00 11.47
C LEU A 159 2.29 -3.29 10.76
N GLY A 160 1.54 -2.22 10.52
CA GLY A 160 0.27 -2.29 9.83
C GLY A 160 0.56 -2.98 8.54
N ILE A 161 1.49 -2.42 7.78
CA ILE A 161 1.82 -2.90 6.44
C ILE A 161 2.31 -4.32 6.52
N ARG A 162 3.27 -4.57 7.39
CA ARG A 162 3.78 -5.92 7.57
C ARG A 162 2.65 -6.97 7.78
N ASP A 163 1.69 -6.64 8.64
CA ASP A 163 0.59 -7.53 9.02
C ASP A 163 -0.29 -7.94 7.86
N ALA A 164 -0.65 -6.95 7.07
CA ALA A 164 -1.51 -7.13 5.94
C ALA A 164 -0.81 -8.06 4.99
N ILE A 165 0.40 -7.69 4.56
CA ILE A 165 1.22 -8.55 3.71
C ILE A 165 1.25 -9.95 4.30
N GLN A 166 1.62 -10.06 5.57
CA GLN A 166 1.80 -11.37 6.23
C GLN A 166 0.63 -12.35 6.17
N HIS A 167 -0.58 -11.81 6.25
CA HIS A 167 -1.81 -12.62 6.25
C HIS A 167 -1.90 -13.48 4.97
N PHE A 168 -1.08 -13.14 3.97
CA PHE A 168 -1.01 -13.78 2.65
C PHE A 168 0.33 -14.50 2.35
N SER A 169 1.35 -14.24 3.16
CA SER A 169 2.60 -14.95 3.00
C SER A 169 2.68 -16.26 3.83
N GLN A 170 3.29 -17.31 3.26
CA GLN A 170 3.59 -18.56 3.99
C GLN A 170 4.98 -18.46 4.63
N ASP A 171 5.72 -17.41 4.27
CA ASP A 171 7.07 -17.15 4.79
C ASP A 171 7.09 -15.94 5.76
N GLU A 172 8.16 -15.77 6.54
CA GLU A 172 8.24 -14.74 7.59
C GLU A 172 8.36 -13.33 7.06
N VAL A 173 7.31 -12.52 7.19
CA VAL A 173 7.43 -11.09 6.82
C VAL A 173 8.01 -10.20 7.92
N LYS A 174 9.28 -9.77 7.78
CA LYS A 174 9.87 -8.89 8.80
C LYS A 174 9.99 -7.41 8.36
N VAL A 175 10.29 -6.52 9.31
CA VAL A 175 10.50 -5.10 8.96
C VAL A 175 11.98 -4.68 9.07
N LYS A 176 12.40 -3.86 8.13
CA LYS A 176 13.74 -3.34 8.13
C LYS A 176 13.65 -1.84 8.26
N TRP A 177 13.58 -1.46 9.52
CA TRP A 177 13.53 -0.08 9.95
C TRP A 177 14.40 0.76 9.03
N PRO A 178 13.96 1.96 8.72
CA PRO A 178 12.66 2.44 9.21
C PRO A 178 11.50 2.27 8.23
N ASN A 179 11.79 1.82 7.00
CA ASN A 179 10.90 1.93 5.84
C ASN A 179 10.71 0.73 4.94
N ASP A 180 11.33 -0.42 5.24
CA ASP A 180 11.30 -1.52 4.28
C ASP A 180 10.65 -2.74 4.94
N ILE A 181 9.78 -3.42 4.19
CA ILE A 181 9.18 -4.69 4.58
C ILE A 181 9.74 -5.83 3.73
N TYR A 182 10.35 -6.78 4.43
CA TYR A 182 11.02 -7.90 3.81
C TYR A 182 10.34 -9.24 4.01
N ILE A 183 10.58 -10.17 3.08
CA ILE A 183 10.19 -11.56 3.33
C ILE A 183 11.39 -12.43 3.01
N ASP A 184 11.97 -13.01 4.06
CA ASP A 184 13.28 -13.60 3.93
C ASP A 184 14.12 -12.41 3.45
N ASN A 185 14.78 -12.55 2.31
CA ASN A 185 15.70 -11.53 1.83
C ASN A 185 15.10 -10.72 0.72
N GLY A 186 13.78 -10.72 0.61
CA GLY A 186 13.21 -10.04 -0.52
C GLY A 186 12.50 -8.82 -0.01
N LYS A 187 12.83 -7.67 -0.57
CA LYS A 187 12.09 -6.48 -0.26
C LYS A 187 10.77 -6.73 -0.93
N VAL A 188 9.72 -6.85 -0.15
CA VAL A 188 8.43 -7.04 -0.73
C VAL A 188 7.79 -5.68 -0.87
N CYS A 189 8.20 -4.76 -0.02
CA CYS A 189 7.61 -3.45 -0.03
C CYS A 189 8.53 -2.37 0.54
N GLY A 190 8.56 -1.20 -0.09
CA GLY A 190 9.15 -0.01 0.52
C GLY A 190 8.04 0.99 0.83
N PHE A 191 8.25 1.94 1.73
CA PHE A 191 7.19 2.91 2.04
C PHE A 191 7.77 4.18 2.64
N LEU A 192 7.25 5.30 2.22
CA LEU A 192 7.84 6.61 2.45
C LEU A 192 6.83 7.49 3.19
N THR A 193 7.14 7.95 4.39
CA THR A 193 6.24 8.89 5.10
C THR A 193 6.74 10.32 5.00
N GLU A 194 5.94 11.15 4.32
CA GLU A 194 6.17 12.57 4.25
C GLU A 194 5.04 13.40 4.79
N MET A 195 5.29 14.69 4.97
CA MET A 195 4.25 15.54 5.53
C MET A 195 4.33 16.98 5.05
N VAL A 196 3.20 17.68 5.07
CA VAL A 196 3.24 19.12 4.96
C VAL A 196 2.93 19.53 6.36
N ALA A 197 3.75 20.40 6.93
CA ALA A 197 3.47 20.90 8.26
C ALA A 197 4.06 22.28 8.56
N ASN A 198 3.92 22.70 9.80
CA ASN A 198 4.42 24.00 10.17
C ASN A 198 4.41 24.11 11.71
N ASN A 199 5.14 25.07 12.29
CA ASN A 199 5.45 25.00 13.73
C ASN A 199 4.28 24.49 14.57
N ASP A 200 3.16 25.16 14.36
CA ASP A 200 1.86 24.81 14.90
C ASP A 200 1.30 23.54 14.30
N GLY A 201 2.00 22.40 14.36
CA GLY A 201 1.38 21.16 13.91
C GLY A 201 1.35 20.80 12.42
N ILE A 202 0.55 19.80 12.08
CA ILE A 202 0.58 19.14 10.78
C ILE A 202 -0.60 19.42 9.86
N GLU A 203 -0.31 19.83 8.64
CA GLU A 203 -1.33 19.96 7.62
C GLU A 203 -1.71 18.64 6.99
N ALA A 204 -0.75 17.75 6.81
CA ALA A 204 -1.10 16.43 6.32
C ALA A 204 0.04 15.45 6.31
N ILE A 205 -0.30 14.17 6.34
CA ILE A 205 0.65 13.08 6.34
C ILE A 205 0.41 12.43 5.01
N ILE A 206 1.47 12.10 4.31
CA ILE A 206 1.33 11.49 3.02
C ILE A 206 2.16 10.22 3.02
N CYS A 207 1.54 9.07 3.16
CA CYS A 207 2.31 7.87 3.15
C CYS A 207 2.28 7.18 1.80
N GLY A 208 3.45 7.11 1.12
CA GLY A 208 3.57 6.45 -0.19
C GLY A 208 3.95 4.98 0.02
N ILE A 209 3.16 4.04 -0.48
CA ILE A 209 3.49 2.63 -0.26
C ILE A 209 3.57 1.82 -1.53
N GLY A 210 4.72 1.20 -1.80
CA GLY A 210 4.79 0.22 -2.88
C GLY A 210 4.92 -1.21 -2.38
N ILE A 211 4.04 -2.06 -2.87
CA ILE A 211 4.13 -3.46 -2.49
C ILE A 211 4.10 -4.34 -3.71
N ASN A 212 5.14 -5.14 -3.89
CA ASN A 212 5.26 -6.06 -5.00
C ASN A 212 4.29 -7.18 -4.81
N LEU A 213 3.42 -7.39 -5.76
CA LEU A 213 2.33 -8.35 -5.67
C LEU A 213 2.55 -9.65 -6.43
N THR A 214 2.63 -9.52 -7.76
CA THR A 214 2.55 -10.65 -8.67
C THR A 214 3.82 -10.91 -9.51
N GLN A 215 4.96 -10.41 -9.08
CA GLN A 215 6.18 -10.60 -9.86
C GLN A 215 6.77 -12.02 -9.78
N GLN A 216 7.42 -12.47 -10.86
CA GLN A 216 8.30 -13.67 -10.94
C GLN A 216 9.75 -13.18 -11.02
N LEU A 217 10.74 -13.87 -10.45
CA LEU A 217 12.10 -13.31 -10.51
C LEU A 217 12.48 -12.76 -11.93
N GLU A 218 11.91 -13.35 -12.99
CA GLU A 218 12.15 -12.89 -14.38
C GLU A 218 11.74 -11.41 -14.62
N ASN A 219 11.05 -10.79 -13.66
CA ASN A 219 10.44 -9.47 -13.84
C ASN A 219 11.32 -8.39 -13.28
N PHE A 220 12.25 -8.79 -12.43
CA PHE A 220 13.10 -7.81 -11.77
C PHE A 220 14.38 -7.50 -12.58
N ASP A 221 14.70 -6.22 -12.69
CA ASP A 221 15.89 -5.73 -13.37
C ASP A 221 17.14 -6.52 -12.94
N GLU A 222 18.22 -6.42 -13.70
CA GLU A 222 19.48 -7.10 -13.37
C GLU A 222 20.02 -6.64 -12.00
N SER A 223 20.00 -5.31 -11.83
CA SER A 223 20.47 -4.58 -10.66
C SER A 223 19.84 -4.89 -9.29
N ILE A 224 19.05 -5.96 -9.18
CA ILE A 224 18.27 -6.19 -7.94
C ILE A 224 17.63 -7.56 -7.73
N ARG A 225 17.79 -8.39 -8.73
CA ARG A 225 17.06 -9.64 -8.83
C ARG A 225 17.10 -10.65 -7.67
N HIS A 226 18.02 -10.44 -6.73
CA HIS A 226 18.27 -11.35 -5.62
C HIS A 226 17.72 -10.81 -4.30
N ARG A 227 17.49 -9.51 -4.24
CA ARG A 227 17.01 -8.95 -3.00
C ARG A 227 15.69 -8.21 -3.19
N ALA A 228 14.82 -8.86 -3.98
CA ALA A 228 13.48 -8.40 -4.21
C ALA A 228 12.61 -9.62 -4.35
N THR A 229 11.43 -9.57 -3.75
CA THR A 229 10.44 -10.64 -3.81
C THR A 229 9.01 -10.07 -3.71
N SER A 230 8.12 -10.63 -4.50
CA SER A 230 6.71 -10.25 -4.54
C SER A 230 5.90 -11.15 -3.59
N ILE A 231 4.76 -10.67 -3.15
CA ILE A 231 3.89 -11.47 -2.27
C ILE A 231 3.57 -12.84 -2.92
N GLN A 232 3.59 -12.93 -4.25
CA GLN A 232 3.07 -14.13 -4.91
C GLN A 232 4.04 -15.31 -4.78
N LEU A 233 5.32 -14.99 -4.66
CA LEU A 233 6.36 -16.01 -4.50
C LEU A 233 6.34 -16.62 -3.12
N HIS A 234 5.39 -16.18 -2.32
CA HIS A 234 5.31 -16.66 -0.96
C HIS A 234 3.89 -17.05 -0.63
N ASP A 235 2.98 -16.90 -1.58
CA ASP A 235 1.63 -17.44 -1.41
C ASP A 235 1.32 -18.65 -2.30
N LYS A 236 0.85 -19.73 -1.70
CA LYS A 236 0.45 -20.89 -2.50
C LYS A 236 -0.64 -20.57 -3.54
N ASN A 237 -1.75 -19.95 -3.11
CA ASN A 237 -2.84 -19.60 -4.03
C ASN A 237 -2.51 -18.28 -4.71
N LYS A 238 -3.27 -17.96 -5.76
CA LYS A 238 -3.25 -16.66 -6.41
C LYS A 238 -3.67 -15.59 -5.40
N LEU A 239 -3.02 -14.43 -5.50
CA LEU A 239 -3.25 -13.32 -4.58
C LEU A 239 -4.14 -12.28 -5.24
N ASP A 240 -5.31 -12.13 -4.66
CA ASP A 240 -6.28 -11.25 -5.25
C ASP A 240 -6.03 -9.78 -4.87
N ARG A 241 -5.60 -8.98 -5.84
CA ARG A 241 -5.14 -7.65 -5.50
C ARG A 241 -6.21 -6.84 -4.73
N TYR A 242 -7.48 -7.16 -4.97
CA TYR A 242 -8.55 -6.50 -4.25
C TYR A 242 -8.71 -7.06 -2.85
N GLN A 243 -8.65 -8.38 -2.71
CA GLN A 243 -8.71 -8.98 -1.37
C GLN A 243 -7.65 -8.37 -0.45
N PHE A 244 -6.45 -8.28 -0.98
CA PHE A 244 -5.31 -7.74 -0.27
C PHE A 244 -5.61 -6.27 0.09
N LEU A 245 -5.85 -5.44 -0.91
CA LEU A 245 -6.12 -4.04 -0.61
C LEU A 245 -7.04 -3.88 0.63
N GLU A 246 -8.10 -4.69 0.68
CA GLU A 246 -9.08 -4.64 1.76
C GLU A 246 -8.48 -4.82 3.15
N ARG A 247 -7.70 -5.89 3.30
CA ARG A 247 -7.01 -6.14 4.54
C ARG A 247 -6.02 -4.99 4.84
N LEU A 248 -5.30 -4.56 3.80
CA LEU A 248 -4.28 -3.52 3.98
C LEU A 248 -4.83 -2.20 4.55
N LEU A 249 -5.99 -1.76 4.08
CA LEU A 249 -6.62 -0.57 4.60
C LEU A 249 -7.06 -0.91 5.98
N GLN A 250 -7.75 -2.04 6.12
CA GLN A 250 -8.21 -2.47 7.44
C GLN A 250 -7.05 -2.25 8.41
N GLU A 251 -5.87 -2.70 8.01
CA GLU A 251 -4.72 -2.69 8.89
C GLU A 251 -4.09 -1.28 9.06
N ILE A 252 -3.92 -0.57 7.95
CA ILE A 252 -3.44 0.82 7.94
C ILE A 252 -4.26 1.64 8.91
N GLU A 253 -5.57 1.46 8.87
CA GLU A 253 -6.46 2.12 9.81
C GLU A 253 -6.15 1.81 11.24
N LYS A 254 -6.46 0.57 11.62
CA LYS A 254 -6.12 -0.01 12.92
C LYS A 254 -4.81 0.62 13.41
N ARG A 255 -3.72 0.36 12.71
CA ARG A 255 -2.42 0.90 13.13
C ARG A 255 -2.40 2.44 13.34
N TYR A 256 -3.23 3.16 12.60
CA TYR A 256 -3.19 4.62 12.69
C TYR A 256 -3.80 5.08 14.00
N ASN A 257 -4.90 4.47 14.40
CA ASN A 257 -5.47 4.83 15.67
C ASN A 257 -4.60 4.48 16.82
N GLN A 258 -3.89 3.38 16.71
CA GLN A 258 -2.95 3.09 17.77
C GLN A 258 -2.01 4.29 17.81
N PHE A 259 -1.54 4.73 16.65
CA PHE A 259 -0.63 5.87 16.55
C PHE A 259 -1.10 7.11 17.28
N LEU A 260 -2.41 7.26 17.26
CA LEU A 260 -3.05 8.42 17.78
C LEU A 260 -3.42 8.33 19.24
N THR A 261 -3.52 7.11 19.78
CA THR A 261 -3.90 6.89 21.17
C THR A 261 -2.93 6.13 22.06
N LEU A 262 -1.74 5.85 21.56
CA LEU A 262 -0.67 5.11 22.26
C LEU A 262 0.70 5.79 22.25
N PRO A 263 1.61 5.35 23.13
CA PRO A 263 3.01 5.78 23.06
C PRO A 263 3.66 4.77 22.18
N PHE A 264 4.96 4.84 21.96
CA PHE A 264 5.58 3.87 21.10
C PHE A 264 5.83 2.59 21.85
N SER A 265 6.13 2.77 23.13
CA SER A 265 6.41 1.66 24.00
C SER A 265 5.34 0.57 23.94
N GLU A 266 4.09 1.00 23.88
CA GLU A 266 3.05 0.02 23.85
C GLU A 266 3.15 -0.98 22.67
N ILE A 267 3.90 -0.64 21.62
CA ILE A 267 4.05 -1.61 20.54
C ILE A 267 5.50 -1.92 20.36
N ARG A 268 6.34 -1.17 21.07
CA ARG A 268 7.78 -1.32 20.97
C ARG A 268 8.17 -2.78 20.88
N GLU A 269 7.94 -3.58 21.90
CA GLU A 269 8.47 -4.97 21.86
C GLU A 269 7.99 -5.65 20.61
N GLU A 270 6.66 -5.69 20.42
CA GLU A 270 6.10 -6.24 19.18
C GLU A 270 6.92 -5.85 17.92
N TYR A 271 7.22 -4.56 17.78
CA TYR A 271 8.01 -4.05 16.64
C TYR A 271 9.38 -4.74 16.61
N ASN A 272 10.01 -4.84 17.77
CA ASN A 272 11.27 -5.54 17.86
C ASN A 272 11.28 -6.96 17.32
N ALA A 273 10.26 -7.71 17.72
CA ALA A 273 10.16 -9.13 17.39
C ALA A 273 10.01 -9.33 15.91
N ALA A 274 9.71 -8.23 15.24
CA ALA A 274 9.37 -8.20 13.84
C ALA A 274 10.55 -7.70 12.98
N SER A 275 11.44 -6.95 13.61
CA SER A 275 12.57 -6.45 12.85
C SER A 275 13.51 -7.58 12.47
N ASN A 276 14.23 -7.38 11.37
CA ASN A 276 15.27 -8.30 10.92
C ASN A 276 16.65 -7.65 10.79
N ILE A 277 16.96 -6.74 11.70
CA ILE A 277 18.17 -5.93 11.62
C ILE A 277 19.12 -6.32 12.72
N TRP A 278 18.75 -7.33 13.51
CA TRP A 278 19.54 -7.59 14.68
C TRP A 278 20.65 -8.60 14.44
N ASN A 279 21.69 -8.54 15.25
CA ASN A 279 22.73 -9.55 15.16
C ASN A 279 23.35 -9.71 13.81
N ARG A 280 23.20 -8.70 12.98
CA ARG A 280 23.81 -8.74 11.69
C ARG A 280 24.46 -7.42 11.50
N THR A 281 25.51 -7.43 10.70
CA THR A 281 26.21 -6.22 10.31
C THR A 281 25.37 -5.28 9.40
N LEU A 282 25.51 -3.97 9.56
CA LEU A 282 24.73 -3.03 8.79
C LEU A 282 25.55 -1.94 8.11
N LEU A 283 25.13 -1.53 6.92
CA LEU A 283 25.86 -0.55 6.17
C LEU A 283 25.12 0.79 6.11
N PHE A 284 25.42 1.64 7.09
CA PHE A 284 24.84 2.97 7.14
C PHE A 284 25.54 3.96 6.20
N THR A 285 24.77 4.87 5.64
CA THR A 285 25.24 5.84 4.64
C THR A 285 24.65 7.23 5.06
N GLU A 286 25.47 8.28 5.02
CA GLU A 286 25.09 9.60 5.56
C GLU A 286 25.73 10.70 4.69
N ASN A 287 25.11 11.04 3.55
CA ASN A 287 25.65 12.02 2.55
C ASN A 287 27.15 12.30 2.66
N ASP A 288 27.99 11.69 1.82
CA ASP A 288 29.47 11.80 1.93
C ASP A 288 29.95 10.62 2.75
N LYS A 289 29.57 10.62 4.03
CA LYS A 289 30.00 9.58 4.96
C LYS A 289 29.37 8.20 4.69
N GLN A 290 30.13 7.14 4.95
CA GLN A 290 29.56 5.81 4.97
C GLN A 290 30.32 4.89 5.95
N PHE A 291 29.61 4.01 6.65
CA PHE A 291 30.26 3.20 7.70
C PHE A 291 29.44 1.97 8.13
N LYS A 292 30.00 1.16 9.03
CA LYS A 292 29.31 -0.04 9.45
C LYS A 292 28.85 -0.07 10.91
N GLY A 293 28.14 -1.10 11.34
CA GLY A 293 27.71 -1.13 12.72
C GLY A 293 26.68 -2.19 13.11
N GLN A 294 26.49 -2.41 14.39
CA GLN A 294 25.46 -3.33 14.84
C GLN A 294 24.29 -2.63 15.52
N ALA A 295 23.10 -3.01 15.07
CA ALA A 295 21.84 -2.54 15.62
C ALA A 295 21.58 -3.19 16.96
N ILE A 296 21.59 -2.38 18.01
CA ILE A 296 21.49 -2.97 19.33
C ILE A 296 20.14 -2.81 20.06
N ASP A 297 19.40 -1.74 19.78
CA ASP A 297 18.07 -1.54 20.38
C ASP A 297 17.24 -0.40 19.81
N LEU A 298 15.91 -0.51 19.86
CA LEU A 298 15.00 0.62 19.61
C LEU A 298 14.52 1.19 20.93
N ASP A 299 14.85 2.44 21.22
CA ASP A 299 14.49 3.04 22.48
C ASP A 299 13.00 3.37 22.50
N TYR A 300 12.50 3.64 23.71
CA TYR A 300 11.11 4.02 23.95
C TYR A 300 10.59 5.02 22.91
N ASP A 301 11.47 5.89 22.47
CA ASP A 301 11.15 6.98 21.57
C ASP A 301 11.25 6.76 20.07
N GLY A 302 11.50 5.53 19.65
CA GLY A 302 11.56 5.20 18.23
C GLY A 302 12.89 5.43 17.53
N TYR A 303 13.90 5.73 18.34
CA TYR A 303 15.27 5.86 17.87
C TYR A 303 16.01 4.55 17.85
N LEU A 304 16.75 4.31 16.78
CA LEU A 304 17.63 3.16 16.73
C LEU A 304 18.95 3.44 17.45
N ILE A 305 19.34 2.55 18.38
CA ILE A 305 20.64 2.66 19.04
C ILE A 305 21.54 1.67 18.34
N VAL A 306 22.72 2.16 17.98
CA VAL A 306 23.65 1.40 17.19
C VAL A 306 25.09 1.55 17.64
N ARG A 307 25.73 0.41 17.89
CA ARG A 307 27.16 0.41 18.09
C ARG A 307 27.88 0.36 16.75
N ASP A 308 28.51 1.45 16.36
CA ASP A 308 29.26 1.49 15.10
C ASP A 308 30.50 0.63 15.17
N GLU A 309 31.25 0.58 14.08
CA GLU A 309 32.38 -0.35 13.97
C GLU A 309 33.56 0.01 14.88
N ALA A 310 33.58 1.24 15.38
CA ALA A 310 34.58 1.70 16.33
C ALA A 310 34.05 1.76 17.78
N GLY A 311 33.07 0.94 18.14
CA GLY A 311 32.53 0.97 19.50
C GLY A 311 31.75 2.22 19.91
N GLU A 312 31.60 3.18 18.99
CA GLU A 312 30.94 4.46 19.27
C GLU A 312 29.42 4.38 19.12
N SER A 313 28.73 4.94 20.11
CA SER A 313 27.32 4.71 20.27
C SER A 313 26.41 5.88 19.89
N HIS A 314 25.56 5.65 18.88
CA HIS A 314 24.59 6.63 18.37
C HIS A 314 23.09 6.32 18.48
N ARG A 315 22.31 7.38 18.43
CA ARG A 315 20.86 7.33 18.53
C ARG A 315 20.30 7.98 17.29
N LEU A 316 19.67 7.19 16.43
CA LEU A 316 19.27 7.72 15.15
C LEU A 316 17.77 7.73 15.10
N ILE A 317 17.22 8.72 14.44
CA ILE A 317 15.79 8.77 14.37
C ILE A 317 15.48 8.09 13.07
N SER A 318 16.45 8.16 12.17
CA SER A 318 16.34 7.53 10.88
C SER A 318 17.72 6.91 10.53
N ALA A 319 17.97 6.59 9.27
CA ALA A 319 19.23 5.99 8.83
C ALA A 319 19.05 5.47 7.42
N ASP A 320 20.14 5.21 6.70
CA ASP A 320 20.01 4.47 5.45
C ASP A 320 20.82 3.19 5.38
N ILE A 321 20.11 2.06 5.56
CA ILE A 321 20.77 0.82 5.93
C ILE A 321 20.70 -0.22 4.82
N ASP A 322 21.80 -0.95 4.63
CA ASP A 322 21.87 -2.04 3.65
C ASP A 322 22.47 -3.24 4.32
N PHE A 323 22.17 -4.43 3.80
CA PHE A 323 22.78 -5.61 4.36
C PHE A 323 23.97 -6.10 3.54
C11 BTN B . 11.76 2.91 -0.66
O11 BTN B . 12.43 3.82 -1.24
O12 BTN B . 12.39 2.05 0.00
C10 BTN B . 10.26 2.82 -0.83
C9 BTN B . 9.56 3.85 -1.66
C8 BTN B . 8.04 3.85 -1.76
C7 BTN B . 7.39 3.77 -3.14
C2 BTN B . 5.97 4.19 -3.21
S1 BTN B . 5.03 3.41 -4.37
C6 BTN B . 3.72 4.41 -4.08
C5 BTN B . 4.55 5.59 -4.50
N1 BTN B . 4.49 6.56 -5.28
C3 BTN B . 5.75 7.05 -5.36
O3 BTN B . 6.07 8.04 -6.21
N2 BTN B . 6.72 6.36 -4.57
C4 BTN B . 5.89 5.43 -4.04
#